data_5JV0
#
_entry.id   5JV0
#
_cell.length_a   111.540
_cell.length_b   111.540
_cell.length_c   75.980
_cell.angle_alpha   90.00
_cell.angle_beta   90.00
_cell.angle_gamma   90.00
#
_symmetry.space_group_name_H-M   'P 41 21 2'
#
loop_
_entity.id
_entity.type
_entity.pdbx_description
1 polymer 'Farnesyl pyrophosphate synthase'
2 non-polymer 'SULFATE ION'
3 non-polymer '[(1R)-2-(3-fluorophenyl)-1-{[6-(4-methylphenyl)thieno[2,3-d]pyrimidin-4-yl]amino}ethyl]phosphonic acid'
4 water water
#
_entity_poly.entity_id   1
_entity_poly.type   'polypeptide(L)'
_entity_poly.pdbx_seq_one_letter_code
;MGSSHHHHHHSSGRENLYFQGHMNGDQNSDVYAQEKQDFVQHFSQIVRVLTEDEMGHPEIGDAIARLKEVLEYNAIGGKY
NRGLTVVVAFRELVEPRKQDADSLQRAWTVGWCVELLQAFFLVADDIMDSSLTRRGQICWYQKPGVGLDAINDANLLEAC
IYRLLKLYCREQPYYLNLIELFLQSSYQTEIGQTLDLLTAPQGNVDLVRFTEKRYKSIVKYKTAFYSFYLPIAAAMYMAG
IDGEKEHANAKKILLEMGEFFQIQDDYLDLFGDPSVTGKIGTDIQDNKCSWLVVQCLQRATPEQYQILKENYGQKEAEKV
ARVKALYEELDLPAVFLQYEEDSYSHIMALIEQYAAPLPPAVFLGLARKIYKRRK
;
_entity_poly.pdbx_strand_id   F
#
loop_
_chem_comp.id
_chem_comp.type
_chem_comp.name
_chem_comp.formula
SO4 non-polymer 'SULFATE ION' 'O4 S -2'
YL5 non-polymer '[(1R)-2-(3-fluorophenyl)-1-{[6-(4-methylphenyl)thieno[2,3-d]pyrimidin-4-yl]amino}ethyl]phosphonic acid' 'C21 H19 F N3 O3 P S'
#
# COMPACT_ATOMS: atom_id res chain seq x y z
N ASP A 30 -4.61 3.90 18.64
CA ASP A 30 -4.55 4.97 19.67
C ASP A 30 -3.66 6.03 19.07
N VAL A 31 -2.36 5.72 18.96
CA VAL A 31 -1.29 6.70 18.57
C VAL A 31 -1.54 7.30 17.18
N TYR A 32 -2.32 6.57 16.37
CA TYR A 32 -2.74 6.95 15.02
C TYR A 32 -4.04 7.76 15.02
N ALA A 33 -5.07 7.46 15.85
CA ALA A 33 -6.29 8.37 15.95
C ALA A 33 -5.93 9.77 16.55
N GLN A 34 -4.91 9.76 17.41
CA GLN A 34 -4.22 10.99 17.89
C GLN A 34 -3.56 11.89 16.84
N GLU A 35 -3.07 11.33 15.74
CA GLU A 35 -2.44 12.14 14.69
C GLU A 35 -3.42 12.48 13.57
N LYS A 36 -4.44 11.64 13.39
CA LYS A 36 -5.29 11.74 12.22
C LYS A 36 -6.03 13.08 11.92
N GLN A 37 -6.52 13.78 12.93
CA GLN A 37 -7.20 15.06 12.68
C GLN A 37 -6.20 16.00 12.05
N ASP A 38 -5.04 16.22 12.67
CA ASP A 38 -4.06 17.20 12.12
C ASP A 38 -3.50 16.79 10.73
N PHE A 39 -3.50 15.49 10.45
CA PHE A 39 -2.99 15.01 9.20
C PHE A 39 -4.10 15.24 8.12
N VAL A 40 -5.35 14.86 8.37
CA VAL A 40 -6.37 15.13 7.37
C VAL A 40 -6.61 16.66 7.23
N GLN A 41 -6.39 17.43 8.25
CA GLN A 41 -6.60 18.86 8.04
C GLN A 41 -5.54 19.42 7.13
N HIS A 42 -4.37 18.77 7.13
CA HIS A 42 -3.25 19.29 6.35
C HIS A 42 -3.53 19.23 4.83
N PHE A 43 -4.43 18.35 4.43
CA PHE A 43 -4.65 18.08 3.05
C PHE A 43 -5.06 19.34 2.33
N SER A 44 -5.91 20.13 2.96
CA SER A 44 -6.31 21.40 2.45
C SER A 44 -5.20 22.29 2.06
N GLN A 45 -4.24 22.44 2.94
CA GLN A 45 -3.06 23.17 2.58
C GLN A 45 -2.29 22.53 1.39
N ILE A 46 -2.16 21.20 1.37
CA ILE A 46 -1.50 20.41 0.29
C ILE A 46 -2.17 20.84 -1.02
N VAL A 47 -3.48 20.84 -1.08
CA VAL A 47 -4.15 21.32 -2.26
C VAL A 47 -3.97 22.83 -2.57
N ARG A 48 -3.96 23.71 -1.56
CA ARG A 48 -3.76 25.18 -1.76
C ARG A 48 -2.48 25.34 -2.53
N VAL A 49 -1.41 24.69 -2.07
CA VAL A 49 -0.09 24.98 -2.67
C VAL A 49 0.15 24.26 -3.99
N LEU A 50 -0.47 23.12 -4.18
CA LEU A 50 -0.36 22.50 -5.45
C LEU A 50 -1.20 23.22 -6.45
N THR A 51 -2.35 23.75 -6.05
CA THR A 51 -3.27 24.36 -7.02
C THR A 51 -3.15 25.89 -6.99
N GLU A 52 -1.96 26.36 -6.59
CA GLU A 52 -1.78 27.76 -6.28
C GLU A 52 -1.54 28.41 -7.57
N ASP A 53 -2.64 28.84 -8.22
CA ASP A 53 -2.50 29.41 -9.56
C ASP A 53 -2.07 30.93 -9.53
N GLU A 54 -0.94 31.14 -10.21
CA GLU A 54 -0.12 32.31 -10.14
C GLU A 54 -0.72 33.29 -11.16
N MET A 55 -0.57 34.59 -10.84
CA MET A 55 -1.07 35.72 -11.65
C MET A 55 -0.21 35.99 -12.92
N GLY A 56 0.95 35.31 -13.03
CA GLY A 56 1.79 35.24 -14.25
C GLY A 56 1.62 33.98 -15.11
N HIS A 57 0.82 33.00 -14.64
CA HIS A 57 0.40 31.80 -15.40
C HIS A 57 -1.14 31.60 -15.47
N PRO A 58 -1.86 32.62 -16.08
CA PRO A 58 -3.31 32.51 -16.26
C PRO A 58 -3.70 31.21 -16.95
N GLU A 59 -3.19 30.97 -18.14
CA GLU A 59 -3.86 30.04 -19.01
C GLU A 59 -3.70 28.55 -18.68
N ILE A 60 -2.88 28.14 -17.71
CA ILE A 60 -3.04 26.76 -17.17
C ILE A 60 -4.15 26.57 -16.15
N GLY A 61 -4.78 27.63 -15.66
CA GLY A 61 -5.84 27.53 -14.64
C GLY A 61 -6.80 26.38 -14.82
N ASP A 62 -7.28 26.24 -16.03
CA ASP A 62 -8.20 25.18 -16.27
C ASP A 62 -7.57 23.82 -15.95
N ALA A 63 -6.35 23.61 -16.41
CA ALA A 63 -5.67 22.40 -16.08
C ALA A 63 -5.43 22.21 -14.59
N ILE A 64 -5.21 23.31 -13.89
CA ILE A 64 -4.96 23.19 -12.47
C ILE A 64 -6.26 22.89 -11.72
N ALA A 65 -7.35 23.44 -12.24
CA ALA A 65 -8.66 23.09 -11.75
C ALA A 65 -8.86 21.51 -11.90
N ARG A 66 -8.52 20.95 -13.04
CA ARG A 66 -8.67 19.55 -13.19
C ARG A 66 -7.79 18.81 -12.09
N LEU A 67 -6.57 19.28 -11.91
CA LEU A 67 -5.70 18.70 -10.95
C LEU A 67 -6.28 18.67 -9.56
N LYS A 68 -6.93 19.72 -9.14
CA LYS A 68 -7.53 19.77 -7.84
C LYS A 68 -8.67 18.69 -7.66
N GLU A 69 -9.56 18.63 -8.66
CA GLU A 69 -10.56 17.61 -8.76
C GLU A 69 -9.95 16.22 -8.58
N VAL A 70 -8.84 15.96 -9.27
CA VAL A 70 -8.18 14.69 -9.23
C VAL A 70 -7.69 14.38 -7.85
N LEU A 71 -7.05 15.33 -7.22
CA LEU A 71 -6.52 15.15 -5.90
C LEU A 71 -7.64 14.91 -4.90
N GLU A 72 -8.69 15.71 -5.00
CA GLU A 72 -9.78 15.62 -4.07
C GLU A 72 -10.51 14.34 -4.17
N TYR A 73 -10.69 13.80 -5.39
CA TYR A 73 -11.38 12.52 -5.57
C TYR A 73 -10.53 11.29 -5.14
N ASN A 74 -9.24 11.31 -5.42
CA ASN A 74 -8.46 10.10 -5.32
C ASN A 74 -7.52 10.01 -4.13
N ALA A 75 -7.18 11.13 -3.50
CA ALA A 75 -6.28 11.11 -2.38
C ALA A 75 -7.04 11.04 -1.06
N ILE A 76 -8.37 11.12 -1.08
CA ILE A 76 -9.19 11.11 0.06
C ILE A 76 -10.13 9.93 0.04
N GLY A 77 -10.54 9.50 1.22
CA GLY A 77 -11.55 8.46 1.41
C GLY A 77 -11.01 7.14 1.96
N GLY A 78 -9.66 7.03 2.04
CA GLY A 78 -9.02 5.89 2.67
C GLY A 78 -8.85 6.05 4.17
N LYS A 79 -8.19 5.09 4.82
CA LYS A 79 -7.86 5.18 6.22
C LYS A 79 -6.52 5.92 6.44
N TYR A 80 -5.67 6.12 5.45
CA TYR A 80 -4.43 6.94 5.59
C TYR A 80 -3.36 6.33 6.49
N ASN A 81 -3.38 5.02 6.60
CA ASN A 81 -2.40 4.33 7.39
C ASN A 81 -0.97 4.53 6.98
N ARG A 82 -0.73 4.56 5.69
CA ARG A 82 0.63 4.67 5.22
C ARG A 82 1.20 6.03 5.50
N GLY A 83 0.46 7.06 5.14
CA GLY A 83 0.91 8.39 5.36
C GLY A 83 0.96 8.69 6.84
N LEU A 84 0.00 8.17 7.60
CA LEU A 84 0.07 8.42 9.04
C LEU A 84 1.26 7.82 9.69
N THR A 85 1.74 6.69 9.17
CA THR A 85 2.88 5.99 9.73
C THR A 85 4.09 6.87 9.61
N VAL A 86 4.11 7.73 8.62
CA VAL A 86 5.25 8.65 8.51
C VAL A 86 5.26 9.55 9.68
N VAL A 87 4.08 9.96 10.09
CA VAL A 87 3.99 11.03 11.09
C VAL A 87 4.23 10.52 12.48
N VAL A 88 3.68 9.36 12.78
CA VAL A 88 3.87 8.63 14.03
C VAL A 88 5.36 8.28 14.19
N ALA A 89 5.99 7.77 13.17
CA ALA A 89 7.38 7.43 13.27
C ALA A 89 8.30 8.64 13.49
N PHE A 90 7.92 9.75 12.94
CA PHE A 90 8.72 10.96 13.10
C PHE A 90 8.56 11.39 14.55
N ARG A 91 7.40 11.23 15.13
CA ARG A 91 7.22 11.55 16.53
C ARG A 91 7.91 10.61 17.49
N GLU A 92 8.25 9.41 17.11
CA GLU A 92 8.96 8.54 17.99
C GLU A 92 10.43 8.62 17.76
N LEU A 93 10.82 9.14 16.63
CA LEU A 93 12.21 9.13 16.26
C LEU A 93 12.93 10.39 16.67
N VAL A 94 12.20 11.49 16.73
CA VAL A 94 12.81 12.79 16.86
C VAL A 94 12.60 13.33 18.28
N GLU A 95 13.71 13.68 18.96
CA GLU A 95 13.68 14.47 20.20
C GLU A 95 12.50 15.47 20.12
N PRO A 96 11.60 15.48 21.11
CA PRO A 96 10.48 16.47 21.06
C PRO A 96 10.91 17.98 20.99
N ARG A 97 12.11 18.27 21.53
CA ARG A 97 12.79 19.56 21.45
C ARG A 97 12.85 19.99 19.99
N LYS A 98 13.07 19.05 19.04
CA LYS A 98 13.11 19.32 17.55
C LYS A 98 11.88 19.02 16.71
N GLN A 99 10.73 18.94 17.34
CA GLN A 99 9.46 18.83 16.64
C GLN A 99 8.72 20.19 16.68
N ASP A 100 9.39 21.23 16.18
CA ASP A 100 8.80 22.54 15.85
C ASP A 100 7.68 22.40 14.83
N ALA A 101 6.95 23.48 14.64
CA ALA A 101 5.81 23.49 13.77
C ALA A 101 6.18 23.09 12.34
N ASP A 102 7.36 23.52 11.93
CA ASP A 102 7.75 23.44 10.55
C ASP A 102 8.15 22.09 10.22
N SER A 103 8.83 21.43 11.16
CA SER A 103 9.22 20.02 11.08
C SER A 103 7.99 19.09 11.00
N LEU A 104 7.03 19.38 11.86
CA LEU A 104 5.76 18.68 11.88
C LEU A 104 5.04 18.81 10.57
N GLN A 105 4.89 20.02 10.11
CA GLN A 105 4.37 20.26 8.82
C GLN A 105 5.08 19.50 7.61
N ARG A 106 6.40 19.41 7.68
CA ARG A 106 7.15 18.57 6.73
C ARG A 106 6.80 17.06 6.86
N ALA A 107 6.68 16.58 8.09
CA ALA A 107 6.19 15.25 8.35
C ALA A 107 4.79 14.97 7.75
N TRP A 108 3.81 15.87 7.97
CA TRP A 108 2.47 15.74 7.42
C TRP A 108 2.64 15.77 5.90
N THR A 109 3.50 16.64 5.40
CA THR A 109 3.57 16.75 3.95
C THR A 109 4.09 15.43 3.35
N VAL A 110 5.12 14.88 3.95
CA VAL A 110 5.75 13.69 3.39
C VAL A 110 4.78 12.51 3.57
N GLY A 111 4.03 12.46 4.67
CA GLY A 111 2.95 11.49 4.85
C GLY A 111 1.96 11.68 3.73
N TRP A 112 1.59 12.91 3.37
CA TRP A 112 0.71 13.08 2.24
C TRP A 112 1.35 12.55 0.93
N CYS A 113 2.63 12.80 0.72
CA CYS A 113 3.31 12.22 -0.44
C CYS A 113 3.17 10.72 -0.57
N VAL A 114 3.23 10.01 0.53
CA VAL A 114 2.99 8.61 0.50
C VAL A 114 1.56 8.32 0.03
N GLU A 115 0.60 9.11 0.43
CA GLU A 115 -0.78 8.82 0.08
C GLU A 115 -0.94 9.13 -1.37
N LEU A 116 -0.22 10.13 -1.85
CA LEU A 116 -0.31 10.45 -3.27
C LEU A 116 0.34 9.36 -4.18
N LEU A 117 1.45 8.80 -3.76
CA LEU A 117 2.05 7.65 -4.44
C LEU A 117 0.98 6.52 -4.55
N GLN A 118 0.32 6.24 -3.42
CA GLN A 118 -0.70 5.23 -3.42
C GLN A 118 -1.80 5.57 -4.39
N ALA A 119 -2.28 6.79 -4.35
CA ALA A 119 -3.36 7.21 -5.23
C ALA A 119 -3.01 7.05 -6.74
N PHE A 120 -1.74 7.25 -7.08
CA PHE A 120 -1.27 7.20 -8.45
C PHE A 120 -1.38 5.76 -8.82
N PHE A 121 -0.93 4.85 -7.93
CA PHE A 121 -0.96 3.43 -8.31
C PHE A 121 -2.36 2.91 -8.43
N LEU A 122 -3.30 3.42 -7.65
CA LEU A 122 -4.62 2.83 -7.63
C LEU A 122 -5.44 3.31 -8.79
N VAL A 123 -5.34 4.58 -9.13
CA VAL A 123 -6.11 5.12 -10.25
C VAL A 123 -5.66 4.33 -11.49
N ALA A 124 -4.36 4.08 -11.57
CA ALA A 124 -3.83 3.38 -12.70
C ALA A 124 -4.12 1.88 -12.64
N ASP A 125 -4.11 1.27 -11.47
CA ASP A 125 -4.44 -0.17 -11.42
C ASP A 125 -5.91 -0.50 -11.69
N ASP A 126 -6.81 0.41 -11.32
CA ASP A 126 -8.20 0.27 -11.57
C ASP A 126 -8.54 0.30 -13.02
N ILE A 127 -7.85 1.14 -13.75
CA ILE A 127 -8.00 1.14 -15.17
C ILE A 127 -7.56 -0.19 -15.72
N MET A 128 -6.36 -0.63 -15.32
CA MET A 128 -5.77 -1.91 -15.83
C MET A 128 -6.56 -3.14 -15.55
N ASP A 129 -7.08 -3.26 -14.37
CA ASP A 129 -7.94 -4.41 -13.92
C ASP A 129 -9.33 -4.38 -14.43
N SER A 130 -9.74 -3.26 -15.01
CA SER A 130 -11.16 -2.95 -15.22
C SER A 130 -12.03 -2.95 -13.94
N SER A 131 -11.54 -2.33 -12.88
CA SER A 131 -12.25 -2.30 -11.65
C SER A 131 -13.42 -1.32 -11.78
N LEU A 132 -14.46 -1.54 -10.96
CA LEU A 132 -15.68 -0.72 -10.94
C LEU A 132 -15.70 0.26 -9.81
N THR A 133 -15.38 -0.19 -8.60
CA THR A 133 -15.37 0.69 -7.48
C THR A 133 -14.10 0.59 -6.71
N ARG A 134 -13.91 1.54 -5.83
CA ARG A 134 -12.70 1.69 -5.05
C ARG A 134 -13.06 2.54 -3.85
N ARG A 135 -12.90 1.98 -2.66
CA ARG A 135 -13.28 2.71 -1.43
C ARG A 135 -14.79 3.04 -1.45
N GLY A 136 -15.59 2.13 -2.01
CA GLY A 136 -17.02 2.40 -2.27
C GLY A 136 -17.31 3.75 -2.94
N GLN A 137 -16.85 3.89 -4.17
CA GLN A 137 -16.97 5.13 -4.88
C GLN A 137 -16.64 4.55 -6.22
N ILE A 138 -17.30 5.05 -7.23
CA ILE A 138 -16.99 4.73 -8.62
C ILE A 138 -15.50 5.02 -8.83
N CYS A 139 -14.76 4.09 -9.38
CA CYS A 139 -13.42 4.41 -9.80
C CYS A 139 -13.41 5.64 -10.70
N TRP A 140 -12.39 6.46 -10.51
CA TRP A 140 -12.23 7.74 -11.18
C TRP A 140 -12.38 7.55 -12.72
N TYR A 141 -11.73 6.50 -13.27
CA TYR A 141 -11.70 6.35 -14.73
C TYR A 141 -13.08 6.01 -15.22
N GLN A 142 -13.91 5.47 -14.33
CA GLN A 142 -15.31 5.14 -14.65
C GLN A 142 -16.22 6.29 -14.67
N LYS A 143 -15.86 7.47 -14.14
CA LYS A 143 -16.80 8.59 -14.18
C LYS A 143 -17.01 9.00 -15.60
N PRO A 144 -18.25 9.37 -15.97
CA PRO A 144 -18.40 9.89 -17.35
C PRO A 144 -17.58 11.19 -17.57
N GLY A 145 -16.94 11.34 -18.74
CA GLY A 145 -16.06 12.52 -18.97
C GLY A 145 -14.62 12.29 -18.64
N VAL A 146 -14.28 11.20 -17.97
CA VAL A 146 -12.91 10.92 -17.59
C VAL A 146 -12.31 9.83 -18.45
N GLY A 147 -12.67 8.59 -18.25
CA GLY A 147 -12.08 7.51 -18.99
C GLY A 147 -10.54 7.36 -18.88
N LEU A 148 -9.96 6.96 -20.00
CA LEU A 148 -8.56 6.89 -20.23
C LEU A 148 -7.78 8.18 -20.00
N ASP A 149 -8.38 9.37 -20.09
CA ASP A 149 -7.75 10.54 -19.50
C ASP A 149 -7.24 10.33 -18.04
N ALA A 150 -7.84 9.42 -17.29
CA ALA A 150 -7.25 9.09 -15.94
C ALA A 150 -5.81 8.64 -16.00
N ILE A 151 -5.31 8.24 -17.17
CA ILE A 151 -3.87 7.93 -17.32
C ILE A 151 -2.97 9.12 -17.01
N ASN A 152 -3.30 10.25 -17.57
CA ASN A 152 -2.61 11.48 -17.31
C ASN A 152 -2.89 11.95 -15.90
N ASP A 153 -4.14 11.85 -15.45
CA ASP A 153 -4.45 12.26 -14.08
C ASP A 153 -3.54 11.47 -13.12
N ALA A 154 -3.37 10.17 -13.37
CA ALA A 154 -2.48 9.36 -12.49
C ALA A 154 -1.08 9.87 -12.53
N ASN A 155 -0.60 10.22 -13.69
CA ASN A 155 0.72 10.77 -13.80
C ASN A 155 0.89 12.08 -13.05
N LEU A 156 -0.12 12.96 -13.09
CA LEU A 156 -0.10 14.21 -12.26
C LEU A 156 -0.01 13.91 -10.74
N LEU A 157 -0.77 12.90 -10.29
CA LEU A 157 -0.66 12.48 -8.89
C LEU A 157 0.78 12.11 -8.60
N GLU A 158 1.41 11.44 -9.51
CA GLU A 158 2.75 11.06 -9.27
C GLU A 158 3.65 12.31 -9.15
N ALA A 159 3.45 13.27 -10.06
CA ALA A 159 4.29 14.42 -10.09
C ALA A 159 4.10 15.25 -8.82
N CYS A 160 2.91 15.23 -8.27
CA CYS A 160 2.66 16.06 -7.11
C CYS A 160 3.60 15.76 -5.93
N ILE A 161 4.00 14.52 -5.80
CA ILE A 161 4.90 14.10 -4.82
C ILE A 161 6.09 15.02 -4.84
N TYR A 162 6.66 15.21 -6.05
CA TYR A 162 7.98 15.87 -6.16
C TYR A 162 7.87 17.35 -6.05
N ARG A 163 6.74 17.88 -6.48
CA ARG A 163 6.41 19.30 -6.29
C ARG A 163 6.37 19.56 -4.82
N LEU A 164 5.70 18.70 -4.06
CA LEU A 164 5.62 18.90 -2.62
C LEU A 164 6.97 18.82 -1.93
N LEU A 165 7.80 17.81 -2.25
CA LEU A 165 9.11 17.68 -1.67
C LEU A 165 9.98 18.91 -2.00
N LYS A 166 9.86 19.45 -3.21
CA LYS A 166 10.56 20.69 -3.55
C LYS A 166 10.09 21.80 -2.63
N LEU A 167 8.79 22.03 -2.61
CA LEU A 167 8.22 23.13 -1.85
C LEU A 167 8.54 23.07 -0.34
N TYR A 168 8.42 21.92 0.26
CA TYR A 168 8.52 21.86 1.66
C TYR A 168 9.87 21.44 2.12
N CYS A 169 10.63 20.76 1.27
CA CYS A 169 11.88 20.15 1.74
C CYS A 169 13.20 20.47 1.02
N ARG A 170 13.19 21.36 0.02
N ARG A 170 13.21 21.34 0.01
CA ARG A 170 14.36 21.51 -0.83
CA ARG A 170 14.40 21.40 -0.79
C ARG A 170 15.58 21.94 -0.04
C ARG A 170 15.60 21.94 -0.03
N GLU A 171 15.37 22.67 1.05
CA GLU A 171 16.50 23.13 1.90
C GLU A 171 16.98 22.14 2.92
N GLN A 172 16.27 21.04 3.09
CA GLN A 172 16.65 20.04 4.11
C GLN A 172 17.74 19.17 3.64
N PRO A 173 18.56 18.62 4.57
CA PRO A 173 19.69 17.75 4.14
C PRO A 173 19.28 16.40 3.67
N TYR A 174 18.13 15.94 4.08
CA TYR A 174 17.56 14.70 3.65
C TYR A 174 16.74 14.79 2.34
N TYR A 175 16.74 15.93 1.63
CA TYR A 175 15.97 16.09 0.38
C TYR A 175 16.21 15.01 -0.73
N LEU A 176 17.43 14.92 -1.20
CA LEU A 176 17.77 13.95 -2.17
C LEU A 176 17.48 12.60 -1.62
N ASN A 177 17.70 12.32 -0.33
CA ASN A 177 17.37 10.99 0.15
C ASN A 177 15.88 10.61 -0.09
N LEU A 178 14.99 11.58 0.15
CA LEU A 178 13.60 11.33 -0.01
C LEU A 178 13.22 11.20 -1.49
N ILE A 179 13.83 12.00 -2.39
CA ILE A 179 13.50 11.92 -3.84
C ILE A 179 13.82 10.49 -4.25
N GLU A 180 15.04 10.03 -3.99
CA GLU A 180 15.49 8.70 -4.37
C GLU A 180 14.60 7.59 -3.73
N LEU A 181 14.22 7.80 -2.47
CA LEU A 181 13.29 6.90 -1.81
C LEU A 181 11.99 6.74 -2.56
N PHE A 182 11.31 7.86 -2.87
CA PHE A 182 10.07 7.76 -3.55
C PHE A 182 10.22 7.11 -4.94
N LEU A 183 11.27 7.54 -5.66
CA LEU A 183 11.52 7.04 -6.99
C LEU A 183 11.77 5.58 -6.89
N GLN A 184 12.63 5.15 -5.98
CA GLN A 184 12.85 3.69 -5.85
C GLN A 184 11.52 2.94 -5.52
N SER A 185 10.73 3.55 -4.66
CA SER A 185 9.51 2.91 -4.24
C SER A 185 8.54 2.72 -5.41
N SER A 186 8.52 3.70 -6.32
CA SER A 186 7.77 3.64 -7.54
C SER A 186 8.23 2.54 -8.47
N TYR A 187 9.55 2.48 -8.65
CA TYR A 187 10.12 1.49 -9.48
C TYR A 187 9.80 0.07 -8.98
N GLN A 188 9.93 -0.13 -7.69
CA GLN A 188 9.67 -1.48 -7.13
C GLN A 188 8.23 -1.95 -7.30
N THR A 189 7.31 -1.03 -7.02
CA THR A 189 5.90 -1.26 -7.15
C THR A 189 5.53 -1.53 -8.58
N GLU A 190 6.06 -0.74 -9.49
CA GLU A 190 5.80 -0.97 -10.89
C GLU A 190 6.27 -2.31 -11.36
N ILE A 191 7.42 -2.73 -10.86
CA ILE A 191 8.09 -3.91 -11.37
C ILE A 191 7.30 -5.09 -10.79
N GLY A 192 6.88 -4.94 -9.55
CA GLY A 192 5.95 -5.86 -8.97
C GLY A 192 4.65 -5.95 -9.72
N GLN A 193 4.15 -4.83 -10.19
CA GLN A 193 2.90 -4.84 -10.93
C GLN A 193 3.03 -5.61 -12.25
N THR A 194 4.19 -5.51 -12.88
CA THR A 194 4.53 -6.22 -14.12
C THR A 194 4.49 -7.72 -13.89
N LEU A 195 5.12 -8.13 -12.80
CA LEU A 195 5.17 -9.53 -12.45
C LEU A 195 3.78 -10.01 -12.16
N ASP A 196 2.99 -9.18 -11.50
CA ASP A 196 1.61 -9.61 -11.22
C ASP A 196 0.88 -9.85 -12.52
N LEU A 197 1.00 -8.89 -13.43
CA LEU A 197 0.34 -8.96 -14.76
C LEU A 197 0.77 -10.16 -15.58
N LEU A 198 2.08 -10.42 -15.62
CA LEU A 198 2.60 -11.62 -16.30
C LEU A 198 2.00 -12.88 -15.69
N THR A 199 1.84 -12.87 -14.38
CA THR A 199 1.42 -14.04 -13.65
C THR A 199 -0.02 -14.39 -13.88
N ALA A 200 -0.87 -13.47 -14.31
CA ALA A 200 -2.31 -13.73 -14.61
C ALA A 200 -2.81 -13.12 -15.95
N PRO A 201 -2.33 -13.59 -17.09
CA PRO A 201 -2.62 -12.91 -18.41
C PRO A 201 -4.07 -12.66 -18.90
N ASN A 204 -5.99 -16.14 -19.31
CA ASN A 204 -5.28 -17.34 -18.92
C ASN A 204 -5.28 -17.70 -17.44
N VAL A 205 -6.15 -18.66 -17.15
CA VAL A 205 -5.97 -19.61 -16.03
C VAL A 205 -4.88 -20.57 -16.52
N ASP A 206 -3.67 -20.32 -15.97
CA ASP A 206 -2.58 -21.30 -15.84
C ASP A 206 -2.06 -21.26 -14.39
N LEU A 207 -2.46 -22.25 -13.61
CA LEU A 207 -2.23 -22.24 -12.18
C LEU A 207 -0.82 -22.78 -11.87
N VAL A 208 -0.19 -23.44 -12.83
CA VAL A 208 1.24 -23.73 -12.73
C VAL A 208 2.13 -22.44 -12.60
N ARG A 209 1.61 -21.27 -12.98
CA ARG A 209 2.28 -20.00 -12.68
C ARG A 209 2.29 -19.54 -11.20
N PHE A 210 1.43 -20.18 -10.39
CA PHE A 210 1.11 -19.67 -9.04
C PHE A 210 1.90 -20.44 -7.99
N THR A 211 3.22 -20.30 -8.07
CA THR A 211 4.14 -20.78 -7.10
C THR A 211 4.20 -19.86 -5.94
N GLU A 212 4.53 -20.46 -4.79
CA GLU A 212 4.81 -19.73 -3.57
C GLU A 212 5.92 -18.69 -3.74
N LYS A 213 7.04 -19.09 -4.35
CA LYS A 213 8.19 -18.23 -4.65
C LYS A 213 7.64 -16.95 -5.35
N ARG A 214 6.81 -17.18 -6.37
CA ARG A 214 6.21 -16.15 -7.18
C ARG A 214 5.26 -15.26 -6.45
N TYR A 215 4.43 -15.86 -5.63
CA TYR A 215 3.60 -15.08 -4.73
C TYR A 215 4.42 -14.19 -3.76
N LYS A 216 5.35 -14.75 -3.05
CA LYS A 216 6.23 -13.94 -2.19
C LYS A 216 6.85 -12.73 -2.98
N SER A 217 7.37 -12.98 -4.16
CA SER A 217 8.03 -12.00 -4.96
C SER A 217 7.03 -10.91 -5.43
N ILE A 218 5.81 -11.28 -5.81
CA ILE A 218 4.85 -10.24 -6.17
C ILE A 218 4.56 -9.39 -4.96
N VAL A 219 4.40 -10.02 -3.79
CA VAL A 219 4.00 -9.21 -2.62
C VAL A 219 5.07 -8.20 -2.20
N LYS A 220 6.32 -8.58 -2.29
CA LYS A 220 7.41 -7.81 -1.77
C LYS A 220 7.56 -6.55 -2.60
N TYR A 221 7.57 -6.72 -3.92
CA TYR A 221 7.74 -5.64 -4.85
C TYR A 221 6.55 -4.73 -4.98
N LYS A 222 5.41 -5.38 -5.23
CA LYS A 222 4.19 -4.69 -5.51
C LYS A 222 3.55 -3.96 -4.31
N THR A 223 3.61 -4.54 -3.10
CA THR A 223 2.92 -3.91 -1.96
C THR A 223 3.75 -3.61 -0.71
N ALA A 224 4.67 -4.50 -0.36
CA ALA A 224 5.38 -4.29 0.87
C ALA A 224 6.37 -3.18 0.89
N PHE A 225 7.12 -2.94 -0.20
N PHE A 225 7.09 -2.97 -0.21
CA PHE A 225 8.17 -1.89 -0.17
CA PHE A 225 8.12 -1.96 -0.22
C PHE A 225 7.43 -0.57 0.10
C PHE A 225 7.41 -0.61 0.10
N TYR A 226 6.39 -0.24 -0.67
CA TYR A 226 5.81 1.09 -0.54
C TYR A 226 4.85 1.22 0.67
N SER A 227 4.30 0.06 1.10
CA SER A 227 3.29 0.10 2.10
C SER A 227 3.97 0.10 3.46
N PHE A 228 5.11 -0.56 3.62
CA PHE A 228 5.72 -0.75 4.92
C PHE A 228 7.10 -0.15 5.06
N TYR A 229 7.96 -0.42 4.09
CA TYR A 229 9.31 0.18 4.13
C TYR A 229 9.24 1.68 3.94
N LEU A 230 8.63 2.12 2.85
CA LEU A 230 8.66 3.54 2.49
C LEU A 230 8.28 4.55 3.67
N PRO A 231 7.16 4.35 4.35
CA PRO A 231 6.80 5.35 5.31
C PRO A 231 7.79 5.45 6.48
N ILE A 232 8.20 4.32 7.03
CA ILE A 232 9.19 4.26 8.07
C ILE A 232 10.49 4.81 7.49
N ALA A 233 10.91 4.41 6.29
CA ALA A 233 12.23 4.90 5.78
C ALA A 233 12.27 6.43 5.64
N ALA A 234 11.10 6.97 5.32
CA ALA A 234 10.98 8.37 5.07
C ALA A 234 11.19 9.06 6.37
N ALA A 235 10.48 8.62 7.41
CA ALA A 235 10.64 9.22 8.74
C ALA A 235 12.10 9.15 9.24
N MET A 236 12.74 8.01 8.99
CA MET A 236 14.09 7.83 9.38
C MET A 236 14.97 8.86 8.76
N TYR A 237 14.79 9.08 7.46
CA TYR A 237 15.65 10.06 6.77
C TYR A 237 15.37 11.45 7.30
N MET A 238 14.12 11.70 7.61
CA MET A 238 13.78 12.98 8.15
C MET A 238 14.41 13.20 9.50
N ALA A 239 14.81 12.15 10.18
CA ALA A 239 15.33 12.29 11.52
C ALA A 239 16.84 12.17 11.49
N GLY A 240 17.45 12.19 10.30
CA GLY A 240 18.87 12.13 10.22
C GLY A 240 19.35 10.72 10.12
N ILE A 241 18.47 9.72 10.19
CA ILE A 241 18.98 8.34 10.15
C ILE A 241 19.04 7.93 8.68
N ASP A 242 20.22 8.05 8.09
CA ASP A 242 20.41 7.75 6.71
C ASP A 242 21.37 6.58 6.39
N GLY A 243 21.85 5.82 7.39
CA GLY A 243 22.80 4.71 7.18
C GLY A 243 22.21 3.56 6.36
N GLU A 244 23.02 2.92 5.52
CA GLU A 244 22.57 1.76 4.71
C GLU A 244 22.24 0.52 5.57
N LYS A 245 23.02 0.21 6.62
CA LYS A 245 22.71 -0.93 7.56
C LYS A 245 21.46 -0.62 8.36
N GLU A 246 21.36 0.57 8.95
CA GLU A 246 20.14 0.95 9.60
C GLU A 246 18.93 0.68 8.72
N HIS A 247 19.00 1.17 7.49
CA HIS A 247 17.93 1.06 6.59
C HIS A 247 17.69 -0.36 6.23
N ALA A 248 18.76 -1.12 6.04
CA ALA A 248 18.58 -2.55 5.68
C ALA A 248 17.90 -3.32 6.83
N ASN A 249 18.26 -3.00 8.06
CA ASN A 249 17.67 -3.66 9.26
C ASN A 249 16.16 -3.34 9.34
N ALA A 250 15.81 -2.08 9.15
CA ALA A 250 14.41 -1.69 9.14
C ALA A 250 13.67 -2.38 8.00
N LYS A 251 14.28 -2.42 6.82
CA LYS A 251 13.74 -3.15 5.68
C LYS A 251 13.48 -4.66 5.94
N LYS A 252 14.37 -5.29 6.66
CA LYS A 252 14.23 -6.69 6.89
C LYS A 252 12.94 -6.88 7.71
N ILE A 253 12.70 -6.04 8.70
CA ILE A 253 11.56 -6.20 9.53
C ILE A 253 10.30 -5.90 8.77
N LEU A 254 10.34 -4.80 8.03
CA LEU A 254 9.16 -4.23 7.41
C LEU A 254 8.66 -5.03 6.15
N LEU A 255 9.56 -5.56 5.36
CA LEU A 255 9.18 -6.44 4.26
C LEU A 255 8.48 -7.68 4.78
N GLU A 256 8.93 -8.28 5.88
CA GLU A 256 8.22 -9.38 6.54
C GLU A 256 6.81 -9.00 6.99
N MET A 257 6.66 -7.83 7.59
CA MET A 257 5.35 -7.33 8.00
C MET A 257 4.44 -7.19 6.77
N GLY A 258 4.97 -6.60 5.74
CA GLY A 258 4.28 -6.46 4.51
C GLY A 258 3.82 -7.73 3.83
N GLU A 259 4.58 -8.80 3.95
CA GLU A 259 4.18 -10.10 3.46
C GLU A 259 3.04 -10.59 4.26
N PHE A 260 3.10 -10.44 5.58
CA PHE A 260 2.01 -10.96 6.41
C PHE A 260 0.71 -10.16 6.08
N PHE A 261 0.82 -8.85 6.09
CA PHE A 261 -0.36 -8.03 5.89
C PHE A 261 -1.13 -8.50 4.59
N GLN A 262 -0.40 -8.79 3.54
CA GLN A 262 -1.05 -9.11 2.31
C GLN A 262 -1.65 -10.52 2.35
N ILE A 263 -0.91 -11.41 2.99
CA ILE A 263 -1.45 -12.71 3.28
C ILE A 263 -2.75 -12.60 4.08
N GLN A 264 -2.79 -11.76 5.11
CA GLN A 264 -3.99 -11.66 5.91
C GLN A 264 -5.12 -11.07 5.03
N ASP A 265 -4.76 -10.15 4.13
CA ASP A 265 -5.70 -9.51 3.21
C ASP A 265 -6.37 -10.52 2.25
N ASP A 266 -5.57 -11.40 1.70
CA ASP A 266 -6.04 -12.52 0.81
C ASP A 266 -6.98 -13.44 1.55
N TYR A 267 -6.57 -13.81 2.75
CA TYR A 267 -7.42 -14.58 3.63
C TYR A 267 -8.76 -13.92 3.87
N LEU A 268 -8.74 -12.70 4.36
CA LEU A 268 -9.99 -12.01 4.71
C LEU A 268 -10.91 -11.69 3.48
N ASP A 269 -10.32 -11.67 2.28
CA ASP A 269 -11.07 -11.44 1.07
C ASP A 269 -12.18 -12.50 0.98
N LEU A 270 -11.86 -13.72 1.43
CA LEU A 270 -12.81 -14.81 1.46
C LEU A 270 -13.48 -15.07 2.80
N PHE A 271 -12.72 -15.04 3.89
CA PHE A 271 -13.31 -15.46 5.17
C PHE A 271 -13.55 -14.35 6.11
N GLY A 272 -13.24 -13.15 5.65
CA GLY A 272 -13.43 -11.96 6.45
C GLY A 272 -14.92 -11.79 6.52
N ASP A 273 -15.34 -10.98 7.46
CA ASP A 273 -16.70 -10.55 7.48
C ASP A 273 -16.57 -9.23 6.78
N PRO A 274 -17.39 -9.00 5.73
CA PRO A 274 -17.51 -7.67 5.09
C PRO A 274 -17.83 -6.51 6.06
N SER A 275 -18.49 -6.80 7.21
CA SER A 275 -18.79 -5.79 8.26
C SER A 275 -17.47 -5.32 8.87
N VAL A 276 -16.65 -6.25 9.33
CA VAL A 276 -15.34 -5.90 9.96
C VAL A 276 -14.34 -5.34 8.92
N THR A 277 -14.21 -6.02 7.77
CA THR A 277 -13.29 -5.63 6.66
C THR A 277 -13.67 -4.39 5.88
N GLY A 278 -14.99 -4.19 5.66
CA GLY A 278 -15.51 -3.20 4.69
C GLY A 278 -15.09 -3.40 3.22
N LYS A 279 -14.87 -4.64 2.83
CA LYS A 279 -14.56 -5.01 1.46
C LYS A 279 -15.37 -6.29 1.21
N ILE A 280 -15.99 -6.41 0.06
CA ILE A 280 -16.57 -7.70 -0.28
C ILE A 280 -15.66 -8.29 -1.32
N GLY A 281 -15.28 -9.54 -1.16
CA GLY A 281 -14.15 -10.05 -1.90
C GLY A 281 -14.46 -10.84 -3.14
N THR A 282 -13.71 -10.57 -4.19
CA THR A 282 -13.88 -11.23 -5.46
C THR A 282 -12.62 -11.92 -5.94
N ASP A 283 -11.60 -12.06 -5.11
CA ASP A 283 -10.34 -12.72 -5.54
C ASP A 283 -10.45 -13.94 -6.49
N ILE A 284 -11.40 -14.82 -6.20
CA ILE A 284 -11.50 -16.11 -6.89
C ILE A 284 -12.09 -15.87 -8.31
N GLN A 285 -13.21 -15.11 -8.43
CA GLN A 285 -13.70 -14.57 -9.76
C GLN A 285 -12.62 -13.90 -10.60
N ASP A 286 -11.74 -13.15 -9.96
CA ASP A 286 -10.73 -12.38 -10.68
C ASP A 286 -9.45 -13.22 -10.93
N ASN A 287 -9.54 -14.54 -10.75
CA ASN A 287 -8.40 -15.47 -10.95
C ASN A 287 -7.08 -14.95 -10.43
N LYS A 288 -7.08 -14.45 -9.18
CA LYS A 288 -5.89 -13.86 -8.56
C LYS A 288 -4.86 -14.84 -8.03
N CYS A 289 -3.60 -14.40 -8.02
CA CYS A 289 -2.54 -15.14 -7.36
C CYS A 289 -2.61 -14.78 -5.87
N SER A 290 -3.56 -15.42 -5.19
CA SER A 290 -3.91 -15.16 -3.80
C SER A 290 -3.18 -16.20 -3.03
N TRP A 291 -2.89 -15.86 -1.79
CA TRP A 291 -2.24 -16.79 -0.90
C TRP A 291 -3.06 -18.11 -0.75
N LEU A 292 -4.38 -17.97 -0.71
CA LEU A 292 -5.24 -19.11 -0.58
C LEU A 292 -5.04 -20.13 -1.76
N VAL A 293 -5.12 -19.61 -2.99
CA VAL A 293 -4.91 -20.40 -4.21
C VAL A 293 -3.56 -21.14 -4.13
N VAL A 294 -2.53 -20.44 -3.66
CA VAL A 294 -1.15 -20.97 -3.64
C VAL A 294 -1.04 -22.21 -2.71
N GLN A 295 -1.68 -22.11 -1.56
CA GLN A 295 -1.66 -23.13 -0.53
C GLN A 295 -2.46 -24.31 -1.00
N CYS A 296 -3.69 -24.05 -1.42
CA CYS A 296 -4.53 -25.04 -2.12
C CYS A 296 -3.75 -26.00 -3.07
N LEU A 297 -2.98 -25.38 -3.97
CA LEU A 297 -2.16 -26.09 -4.98
C LEU A 297 -0.95 -26.83 -4.42
N GLN A 298 -0.36 -26.31 -3.33
CA GLN A 298 0.66 -27.09 -2.61
C GLN A 298 0.11 -28.38 -1.96
N ARG A 299 -1.20 -28.39 -1.68
CA ARG A 299 -1.81 -29.33 -0.80
C ARG A 299 -2.74 -30.32 -1.45
N ALA A 300 -3.17 -30.02 -2.66
CA ALA A 300 -4.30 -30.70 -3.25
C ALA A 300 -3.85 -31.94 -4.03
N THR A 301 -4.60 -33.03 -3.88
CA THR A 301 -4.40 -34.24 -4.70
C THR A 301 -4.67 -33.89 -6.19
N PRO A 302 -4.20 -34.71 -7.18
CA PRO A 302 -4.47 -34.40 -8.63
C PRO A 302 -5.97 -34.22 -8.98
N GLU A 303 -6.79 -35.02 -8.25
CA GLU A 303 -8.25 -34.92 -8.29
C GLU A 303 -8.67 -33.46 -7.93
N GLN A 304 -8.25 -33.00 -6.77
CA GLN A 304 -8.70 -31.72 -6.27
C GLN A 304 -8.21 -30.50 -7.12
N TYR A 305 -7.01 -30.63 -7.72
CA TYR A 305 -6.49 -29.75 -8.81
C TYR A 305 -7.62 -29.43 -9.78
N GLN A 306 -8.25 -30.51 -10.28
CA GLN A 306 -9.30 -30.45 -11.28
C GLN A 306 -10.58 -29.70 -10.88
N ILE A 307 -11.08 -29.90 -9.65
CA ILE A 307 -12.27 -29.17 -9.20
C ILE A 307 -12.02 -27.66 -9.26
N LEU A 308 -10.85 -27.27 -8.78
CA LEU A 308 -10.41 -25.87 -8.77
C LEU A 308 -10.21 -25.34 -10.17
N LYS A 309 -9.41 -26.10 -10.94
CA LYS A 309 -9.13 -25.79 -12.34
C LYS A 309 -10.46 -25.51 -12.99
N GLU A 310 -11.51 -26.25 -12.64
CA GLU A 310 -12.87 -25.89 -13.05
C GLU A 310 -13.41 -24.60 -12.47
N ASN A 311 -13.57 -24.46 -11.16
CA ASN A 311 -14.30 -23.27 -10.62
C ASN A 311 -13.51 -21.93 -10.39
N TYR A 312 -12.19 -21.94 -10.63
CA TYR A 312 -11.39 -20.73 -10.44
C TYR A 312 -11.64 -19.68 -11.56
N GLY A 313 -12.55 -18.71 -11.31
CA GLY A 313 -12.83 -17.60 -12.26
C GLY A 313 -14.21 -17.38 -12.76
N GLN A 314 -15.06 -18.40 -12.77
CA GLN A 314 -16.42 -18.15 -13.26
C GLN A 314 -17.04 -17.11 -12.27
N LYS A 315 -17.95 -16.34 -12.86
CA LYS A 315 -18.81 -15.39 -12.20
C LYS A 315 -19.75 -16.23 -11.40
N GLU A 316 -20.49 -17.12 -12.08
CA GLU A 316 -21.49 -18.03 -11.46
C GLU A 316 -21.04 -18.31 -9.99
N ALA A 317 -21.87 -17.91 -9.02
CA ALA A 317 -21.61 -18.05 -7.58
C ALA A 317 -21.34 -19.49 -7.07
N GLU A 318 -22.06 -20.49 -7.58
CA GLU A 318 -21.75 -21.91 -7.28
C GLU A 318 -20.38 -22.34 -7.75
N LYS A 319 -19.82 -21.66 -8.74
CA LYS A 319 -18.40 -21.82 -9.03
C LYS A 319 -17.56 -21.35 -7.80
N VAL A 320 -17.56 -20.04 -7.53
CA VAL A 320 -16.85 -19.45 -6.37
C VAL A 320 -17.11 -20.23 -5.01
N ALA A 321 -18.37 -20.63 -4.78
CA ALA A 321 -18.75 -21.36 -3.54
C ALA A 321 -18.09 -22.75 -3.39
N ARG A 322 -17.87 -23.40 -4.54
CA ARG A 322 -17.26 -24.71 -4.57
C ARG A 322 -15.73 -24.60 -4.40
N VAL A 323 -15.12 -23.41 -4.59
CA VAL A 323 -13.69 -23.25 -4.22
C VAL A 323 -13.61 -22.91 -2.73
N LYS A 324 -14.45 -21.98 -2.25
CA LYS A 324 -14.62 -21.75 -0.80
C LYS A 324 -14.70 -23.05 0.01
N ALA A 325 -15.54 -23.97 -0.45
CA ALA A 325 -15.79 -25.22 0.25
C ALA A 325 -14.57 -26.16 0.13
N LEU A 326 -13.87 -26.13 -1.01
CA LEU A 326 -12.61 -26.86 -1.14
C LEU A 326 -11.51 -26.30 -0.19
N TYR A 327 -11.52 -24.98 -0.04
CA TYR A 327 -10.55 -24.29 0.80
C TYR A 327 -10.81 -24.74 2.24
N GLU A 328 -12.08 -24.74 2.64
CA GLU A 328 -12.44 -25.28 3.96
C GLU A 328 -12.08 -26.76 4.09
N GLU A 329 -12.36 -27.57 3.05
CA GLU A 329 -12.06 -29.01 3.11
C GLU A 329 -10.53 -29.27 3.17
N LEU A 330 -9.70 -28.33 2.67
CA LEU A 330 -8.22 -28.41 2.82
C LEU A 330 -7.63 -27.78 4.15
N ASP A 331 -8.54 -27.42 5.04
CA ASP A 331 -8.21 -26.83 6.33
C ASP A 331 -7.33 -25.54 6.27
N LEU A 332 -7.51 -24.79 5.21
CA LEU A 332 -6.74 -23.60 5.04
C LEU A 332 -6.94 -22.51 6.13
N PRO A 333 -8.22 -22.23 6.56
CA PRO A 333 -8.44 -21.27 7.67
C PRO A 333 -7.59 -21.53 8.94
N ALA A 334 -7.25 -22.80 9.15
CA ALA A 334 -6.35 -23.23 10.17
C ALA A 334 -4.94 -23.13 9.68
N VAL A 335 -4.66 -23.48 8.44
CA VAL A 335 -3.30 -23.25 7.91
C VAL A 335 -2.88 -21.76 8.13
N PHE A 336 -3.88 -20.90 7.96
CA PHE A 336 -3.69 -19.46 8.09
C PHE A 336 -3.38 -19.11 9.52
N LEU A 337 -4.15 -19.69 10.42
CA LEU A 337 -4.01 -19.43 11.84
C LEU A 337 -2.60 -19.88 12.39
N GLN A 338 -2.09 -20.99 11.86
CA GLN A 338 -0.77 -21.46 12.17
C GLN A 338 0.21 -20.48 11.56
N TYR A 339 -0.03 -20.08 10.31
CA TYR A 339 0.85 -19.08 9.63
C TYR A 339 0.83 -17.79 10.42
N GLU A 340 -0.33 -17.34 10.89
CA GLU A 340 -0.37 -16.10 11.65
C GLU A 340 0.51 -16.10 12.96
N GLU A 341 0.47 -17.20 13.71
CA GLU A 341 1.26 -17.36 14.96
C GLU A 341 2.72 -17.45 14.66
N ASP A 342 3.03 -18.27 13.66
CA ASP A 342 4.39 -18.38 13.13
C ASP A 342 4.95 -17.01 12.79
N SER A 343 4.18 -16.27 12.04
CA SER A 343 4.56 -14.95 11.62
C SER A 343 4.80 -13.96 12.79
N TYR A 344 3.91 -13.97 13.79
CA TYR A 344 4.06 -13.08 14.92
C TYR A 344 5.33 -13.40 15.71
N SER A 345 5.60 -14.69 15.91
CA SER A 345 6.83 -15.07 16.57
C SER A 345 8.00 -14.56 15.80
N HIS A 346 7.96 -14.62 14.46
CA HIS A 346 9.15 -14.25 13.64
C HIS A 346 9.36 -12.73 13.66
N ILE A 347 8.27 -12.02 13.60
CA ILE A 347 8.34 -10.61 13.65
C ILE A 347 8.95 -10.21 14.95
N MET A 348 8.50 -10.76 16.06
CA MET A 348 9.05 -10.36 17.34
C MET A 348 10.58 -10.62 17.44
N ALA A 349 11.05 -11.70 16.82
CA ALA A 349 12.49 -12.00 16.73
C ALA A 349 13.15 -11.01 15.81
N LEU A 350 12.59 -10.77 14.65
CA LEU A 350 13.21 -9.72 13.88
C LEU A 350 13.37 -8.37 14.64
N ILE A 351 12.34 -7.98 15.40
CA ILE A 351 12.34 -6.70 16.10
C ILE A 351 13.44 -6.70 17.16
N GLU A 352 13.51 -7.79 17.97
CA GLU A 352 14.53 -8.05 18.96
C GLU A 352 15.88 -7.85 18.29
N GLN A 353 16.15 -8.52 17.18
CA GLN A 353 17.48 -8.45 16.53
C GLN A 353 17.81 -7.15 15.77
N TYR A 354 16.86 -6.57 15.03
CA TYR A 354 17.19 -5.54 14.04
C TYR A 354 16.63 -4.13 14.32
N ALA A 355 15.84 -3.92 15.36
CA ALA A 355 15.27 -2.61 15.61
C ALA A 355 16.33 -1.63 16.00
N ALA A 356 17.27 -2.09 16.83
CA ALA A 356 18.32 -1.21 17.38
C ALA A 356 19.03 -0.52 16.23
N PRO A 357 19.23 0.80 16.35
CA PRO A 357 19.00 1.65 17.54
C PRO A 357 17.69 2.45 17.47
N LEU A 358 16.75 2.06 16.60
CA LEU A 358 15.39 2.66 16.65
C LEU A 358 14.64 2.11 17.86
N PRO A 359 13.68 2.88 18.38
CA PRO A 359 12.84 2.43 19.44
C PRO A 359 11.95 1.30 18.88
N PRO A 360 11.93 0.17 19.57
CA PRO A 360 11.15 -0.92 19.09
C PRO A 360 9.70 -0.58 19.01
N ALA A 361 9.26 0.40 19.78
CA ALA A 361 7.86 0.82 19.61
C ALA A 361 7.44 1.18 18.13
N VAL A 362 8.39 1.53 17.31
CA VAL A 362 8.13 2.04 15.96
C VAL A 362 7.51 0.92 15.15
N PHE A 363 8.13 -0.23 15.35
CA PHE A 363 7.72 -1.49 14.76
C PHE A 363 6.52 -2.12 15.46
N LEU A 364 6.55 -2.09 16.81
CA LEU A 364 5.48 -2.67 17.60
C LEU A 364 4.16 -1.98 17.34
N GLY A 365 4.19 -0.66 17.18
CA GLY A 365 2.98 0.08 16.88
C GLY A 365 2.38 -0.36 15.57
N LEU A 366 3.22 -0.77 14.62
CA LEU A 366 2.73 -1.26 13.34
C LEU A 366 2.20 -2.66 13.43
N ALA A 367 3.03 -3.53 13.99
CA ALA A 367 2.59 -4.88 14.31
C ALA A 367 1.17 -4.89 14.93
N ARG A 368 0.91 -4.06 15.92
CA ARG A 368 -0.38 -4.03 16.55
C ARG A 368 -1.45 -3.67 15.53
N LYS A 369 -1.16 -2.74 14.62
CA LYS A 369 -2.13 -2.30 13.58
C LYS A 369 -2.58 -3.38 12.57
N ILE A 370 -1.85 -4.48 12.50
CA ILE A 370 -2.03 -5.50 11.53
C ILE A 370 -2.15 -6.93 12.09
N TYR A 371 -1.60 -7.22 13.28
CA TYR A 371 -1.93 -8.47 13.95
C TYR A 371 -3.22 -8.28 14.77
N LYS A 372 -4.05 -7.26 14.48
CA LYS A 372 -5.20 -6.81 15.34
C LYS A 372 -6.59 -7.08 14.76
S SO4 B . 0.64 30.40 -19.05
O1 SO4 B . 0.23 29.87 -20.37
O2 SO4 B . -0.29 31.53 -18.65
O3 SO4 B . 0.50 29.31 -18.06
O4 SO4 B . 2.12 30.77 -19.00
S SO4 C . -5.72 2.52 3.94
O1 SO4 C . -6.72 3.45 3.37
O2 SO4 C . -4.73 3.21 4.82
O3 SO4 C . -6.48 1.54 4.77
O4 SO4 C . -5.05 1.88 2.78
CAY YL5 D . -8.47 -4.95 10.01
CAZ YL5 D . -8.37 -5.72 8.84
FBD YL5 D . -9.43 -6.11 8.28
CBA YL5 D . -7.11 -6.07 8.29
CBB YL5 D . -5.95 -5.64 8.93
CBC YL5 D . -6.06 -4.88 10.09
CAX YL5 D . -7.31 -4.52 10.64
CAV YL5 D . -7.41 -3.75 11.78
CAC YL5 D . -7.34 -2.24 11.39
PAA YL5 D . -7.14 -1.15 12.94
OAD YL5 D . -6.17 -2.10 13.90
OAU YL5 D . -6.48 0.13 12.58
OAE YL5 D . -8.49 -1.03 13.56
NAB YL5 D . -6.27 -1.90 10.41
C4 YL5 D . -6.49 -1.86 9.06
N3 YL5 D . -7.72 -2.17 8.59
C2 YL5 D . -7.98 -2.17 7.22
N1 YL5 D . -6.92 -1.83 6.37
C6 YL5 D . -5.70 -1.53 6.89
SAN YL5 D . -4.28 -1.09 6.08
C5 YL5 D . -5.45 -1.55 8.23
CAL YL5 D . -4.14 -1.21 8.51
CAM YL5 D . -3.33 -0.94 7.45
CAO YL5 D . -2.01 -0.55 7.43
CAP YL5 D . -1.36 -0.06 8.58
CAQ YL5 D . -0.04 0.38 8.52
CAR YL5 D . 0.67 0.37 7.32
CAW YL5 D . 1.99 0.82 7.29
CAS YL5 D . 0.04 -0.08 6.17
CAT YL5 D . -1.28 -0.52 6.22
CAY YL5 E . 16.58 8.50 16.55
CAZ YL5 E . 16.90 7.13 16.76
FBD YL5 E . 15.90 6.29 17.25
CBA YL5 E . 18.19 6.66 16.48
CBB YL5 E . 19.16 7.56 15.99
CBC YL5 E . 18.84 8.92 15.78
CAX YL5 E . 17.54 9.42 16.05
CAV YL5 E . 17.25 10.77 15.81
CAC YL5 E . 17.37 11.57 17.13
PAA YL5 E . 16.98 13.46 16.88
OAD YL5 E . 15.79 13.87 17.66
OAU YL5 E . 16.59 13.67 15.29
OAE YL5 E . 18.25 14.17 17.16
NAB YL5 E . 16.54 11.00 18.25
C4 YL5 E . 16.92 11.05 19.54
N3 YL5 E . 18.26 11.13 19.82
C2 YL5 E . 18.71 11.22 21.14
N1 YL5 E . 17.72 11.22 22.13
C6 YL5 E . 16.40 11.12 21.80
SAN YL5 E . 15.10 11.09 22.79
C5 YL5 E . 15.95 11.04 20.52
CAL YL5 E . 14.56 10.96 20.46
CAM YL5 E . 13.91 10.96 21.67
CAO YL5 E . 12.57 10.92 21.99
CAP YL5 E . 11.56 10.91 21.01
CAQ YL5 E . 10.19 10.92 21.37
CAR YL5 E . 9.76 10.96 22.70
CAW YL5 E . 8.40 10.97 23.01
CAS YL5 E . 10.74 10.99 23.70
CAT YL5 E . 12.12 10.97 23.34
CAY YL5 F . -3.11 -12.89 16.43
CAZ YL5 F . -1.91 -13.55 16.65
FBD YL5 F . -0.76 -12.78 16.63
CBA YL5 F . -1.90 -14.94 16.84
CBB YL5 F . -3.09 -15.67 16.84
CBC YL5 F . -4.30 -15.00 16.63
CAX YL5 F . -4.33 -13.60 16.44
CAV YL5 F . -5.58 -13.01 16.22
CAC YL5 F . -5.59 -11.47 15.89
PAA YL5 F . -7.27 -10.85 15.30
OAD YL5 F . -8.10 -10.28 16.61
OAU YL5 F . -7.03 -9.72 14.37
OAE YL5 F . -7.98 -12.07 14.79
NAB YL5 F . -5.17 -10.52 16.95
C4 YL5 F . -5.35 -10.60 18.29
N3 YL5 F . -6.42 -11.27 18.84
C2 YL5 F . -6.59 -11.30 20.23
N1 YL5 F . -5.62 -10.63 21.02
C6 YL5 F . -4.59 -9.98 20.41
SAN YL5 F . -3.29 -9.07 21.06
C5 YL5 F . -4.42 -9.95 19.05
CAL YL5 F . -3.32 -9.23 18.65
CAM YL5 F . -2.56 -8.68 19.62
CAO YL5 F . -1.41 -7.96 19.45
CAP YL5 F . -0.52 -8.18 18.37
CAQ YL5 F . 0.67 -7.45 18.23
CAR YL5 F . 1.03 -6.47 19.18
CAW YL5 F . 2.22 -5.74 19.04
CAS YL5 F . 0.16 -6.23 20.25
CAT YL5 F . -1.03 -6.96 20.38
#